data_5OWR
#
_entry.id   5OWR
#
_cell.length_a   49.740
_cell.length_b   111.720
_cell.length_c   133.150
_cell.angle_alpha   90.00
_cell.angle_beta   90.00
_cell.angle_gamma   90.00
#
_symmetry.space_group_name_H-M   'I 2 2 2'
#
loop_
_entity.id
_entity.type
_entity.pdbx_description
1 polymer 'Serine/threonine-protein kinase 10'
2 non-polymer N-(2-CHLORO-6-METHYLPHENYL)-2-({6-[4-(2-HYDROXYETHYL)PIPERAZIN-1-YL]-2-METHYLPYRIMIDIN-4-YL}AMINO)-1,3-THIAZOLE-5-CARBOXAMIDE
3 non-polymer 'CALCIUM ION'
4 water water
#
_entity_poly.entity_id   1
_entity_poly.type   'polypeptide(L)'
_entity_poly.pdbx_seq_one_letter_code
;SMRKSREYEHVRRDLDPNEVWEIVGELGDGAFGKVYKAKNKETGALAAAKVIETKSEEELEDYIVEIEILATCDHPYIVK
LLGAYYHDGKLWIMIEFCPGGAVDAIMLELDRGLTEPQIQVVCRQMLEALNFLHSKRIIHRDLKAGNVLMTLEGDIRLAD
FGVSAKNLKTLQKRDSFIGTPYWMAPEVVMCETMKDTPYDYKADIWSLGITLIEMAQIEPPHHELNPMRVLLKIAKSDPP
TLLTPSKWSVEFRDFLKIALDKNPETRPSAAQLLEHPFVSSITSNKALRELVAEAKAEVMEE
;
_entity_poly.pdbx_strand_id   A
#
# COMPACT_ATOMS: atom_id res chain seq x y z
N TYR A 8 3.03 -25.16 12.96
CA TYR A 8 1.87 -25.10 12.01
C TYR A 8 2.16 -24.13 10.86
N GLU A 9 2.13 -24.63 9.62
CA GLU A 9 2.46 -23.85 8.42
C GLU A 9 1.43 -22.76 8.13
N HIS A 10 1.81 -21.79 7.27
CA HIS A 10 1.02 -20.57 7.06
C HIS A 10 -0.26 -20.78 6.25
N VAL A 11 -0.18 -21.55 5.18
CA VAL A 11 -1.37 -22.08 4.52
C VAL A 11 -1.80 -23.36 5.26
N ARG A 12 -2.97 -23.33 5.90
CA ARG A 12 -3.48 -24.45 6.69
C ARG A 12 -4.22 -25.47 5.85
N ARG A 13 -3.66 -26.67 5.75
CA ARG A 13 -4.30 -27.81 5.09
C ARG A 13 -5.28 -28.53 6.02
N ASP A 14 -4.93 -28.63 7.30
CA ASP A 14 -5.59 -29.56 8.23
C ASP A 14 -6.96 -29.10 8.71
N LEU A 15 -7.10 -27.81 9.02
CA LEU A 15 -8.37 -27.25 9.52
C LEU A 15 -9.32 -26.89 8.37
N ASP A 16 -10.62 -26.88 8.66
CA ASP A 16 -11.66 -26.47 7.70
C ASP A 16 -11.99 -25.00 7.98
N PRO A 17 -11.85 -24.11 6.96
CA PRO A 17 -12.21 -22.69 7.14
C PRO A 17 -13.64 -22.43 7.63
N ASN A 18 -14.61 -23.21 7.15
CA ASN A 18 -16.02 -23.07 7.56
C ASN A 18 -16.25 -23.28 9.07
N GLU A 19 -15.38 -24.06 9.71
CA GLU A 19 -15.40 -24.23 11.16
C GLU A 19 -15.20 -22.89 11.91
N VAL A 20 -14.20 -22.11 11.49
CA VAL A 20 -13.83 -20.86 12.17
C VAL A 20 -14.53 -19.64 11.56
N TRP A 21 -14.57 -19.57 10.23
CA TRP A 21 -15.10 -18.41 9.51
C TRP A 21 -16.44 -18.70 8.86
N GLU A 22 -17.30 -17.69 8.82
CA GLU A 22 -18.56 -17.75 8.08
C GLU A 22 -18.73 -16.47 7.29
N ILE A 23 -19.01 -16.59 5.99
CA ILE A 23 -19.24 -15.44 5.12
C ILE A 23 -20.56 -14.76 5.52
N VAL A 24 -20.56 -13.42 5.52
CA VAL A 24 -21.73 -12.63 5.96
C VAL A 24 -21.96 -11.35 5.12
N GLY A 25 -21.66 -11.41 3.82
CA GLY A 25 -21.88 -10.29 2.91
C GLY A 25 -20.82 -10.17 1.82
N GLU A 26 -20.90 -9.09 1.04
CA GLU A 26 -19.94 -8.80 -0.03
C GLU A 26 -19.49 -7.34 -0.01
N LEU A 27 -18.34 -7.10 -0.64
CA LEU A 27 -17.72 -5.77 -0.74
C LEU A 27 -17.46 -5.42 -2.21
N GLY A 28 -16.75 -6.29 -2.92
CA GLY A 28 -16.70 -6.30 -4.39
C GLY A 28 -16.18 -5.04 -5.05
N GLY A 33 -11.27 -11.29 -8.02
CA GLY A 33 -12.55 -10.76 -8.46
C GLY A 33 -13.39 -10.25 -7.32
N LYS A 34 -14.05 -11.18 -6.62
CA LYS A 34 -14.95 -10.85 -5.51
C LYS A 34 -14.19 -10.62 -4.20
N VAL A 35 -14.83 -9.89 -3.28
CA VAL A 35 -14.31 -9.68 -1.91
C VAL A 35 -15.48 -9.84 -0.94
N TYR A 36 -15.38 -10.81 -0.04
CA TYR A 36 -16.45 -11.16 0.89
C TYR A 36 -16.13 -10.71 2.30
N LYS A 37 -17.16 -10.30 3.05
CA LYS A 37 -17.05 -9.99 4.48
C LYS A 37 -17.32 -11.28 5.27
N ALA A 38 -16.48 -11.57 6.27
CA ALA A 38 -16.51 -12.85 6.99
C ALA A 38 -16.36 -12.72 8.51
N LYS A 39 -17.27 -13.33 9.26
CA LYS A 39 -17.27 -13.27 10.73
C LYS A 39 -16.57 -14.47 11.34
N ASN A 40 -15.72 -14.20 12.33
CA ASN A 40 -15.02 -15.25 13.08
C ASN A 40 -15.94 -15.71 14.20
N LYS A 41 -16.29 -17.00 14.20
CA LYS A 41 -17.28 -17.55 15.12
C LYS A 41 -16.77 -17.66 16.57
N GLU A 42 -15.48 -17.98 16.72
CA GLU A 42 -14.83 -18.02 18.03
C GLU A 42 -14.69 -16.61 18.65
N THR A 43 -13.95 -15.73 17.99
CA THR A 43 -13.61 -14.41 18.53
C THR A 43 -14.68 -13.33 18.30
N GLY A 44 -15.34 -13.38 17.14
CA GLY A 44 -16.25 -12.30 16.69
C GLY A 44 -15.62 -11.35 15.68
N ALA A 45 -14.29 -11.41 15.52
CA ALA A 45 -13.53 -10.48 14.68
C ALA A 45 -13.99 -10.51 13.22
N LEU A 46 -14.00 -9.35 12.58
CA LEU A 46 -14.40 -9.21 11.18
C LEU A 46 -13.19 -9.35 10.29
N ALA A 47 -13.43 -9.77 9.05
CA ALA A 47 -12.36 -9.99 8.10
C ALA A 47 -12.84 -9.75 6.68
N ALA A 48 -11.90 -9.32 5.83
CA ALA A 48 -12.12 -9.25 4.39
C ALA A 48 -11.58 -10.54 3.83
N ALA A 49 -12.46 -11.28 3.16
CA ALA A 49 -12.18 -12.65 2.75
C ALA A 49 -12.05 -12.75 1.23
N LYS A 50 -11.25 -13.73 0.80
CA LYS A 50 -11.08 -14.07 -0.60
C LYS A 50 -11.07 -15.60 -0.73
N VAL A 51 -12.06 -16.14 -1.41
CA VAL A 51 -12.19 -17.57 -1.66
C VAL A 51 -11.93 -17.82 -3.15
N ILE A 52 -10.68 -18.09 -3.51
CA ILE A 52 -10.27 -18.28 -4.91
C ILE A 52 -10.18 -19.77 -5.27
N GLU A 53 -10.89 -20.17 -6.33
CA GLU A 53 -10.79 -21.53 -6.88
C GLU A 53 -9.86 -21.53 -8.10
N THR A 54 -8.70 -22.17 -7.96
CA THR A 54 -7.76 -22.36 -9.09
C THR A 54 -7.17 -23.78 -9.09
N LYS A 55 -6.38 -24.10 -8.07
CA LYS A 55 -5.69 -25.40 -7.95
C LYS A 55 -4.62 -25.59 -9.03
N GLU A 58 -1.97 -24.16 -11.31
CA GLU A 58 -0.53 -24.25 -11.09
C GLU A 58 -0.01 -22.97 -10.43
N GLU A 59 -0.42 -21.82 -10.97
CA GLU A 59 -0.06 -20.52 -10.40
C GLU A 59 -1.07 -20.10 -9.31
N LEU A 60 -1.04 -20.84 -8.21
CA LEU A 60 -1.55 -20.36 -6.92
C LEU A 60 -0.38 -20.09 -5.96
N GLU A 61 0.84 -20.52 -6.34
CA GLU A 61 2.08 -20.08 -5.67
C GLU A 61 2.28 -18.56 -5.61
N ASP A 62 1.69 -17.83 -6.56
CA ASP A 62 1.60 -16.36 -6.46
C ASP A 62 0.91 -15.95 -5.17
N TYR A 63 -0.28 -16.51 -4.94
CA TYR A 63 -1.04 -16.27 -3.72
C TYR A 63 -0.32 -16.79 -2.46
N ILE A 64 0.37 -17.92 -2.55
CA ILE A 64 1.08 -18.52 -1.40
C ILE A 64 2.23 -17.60 -0.94
N VAL A 65 2.95 -17.03 -1.90
CA VAL A 65 4.06 -16.10 -1.62
C VAL A 65 3.51 -14.78 -1.05
N GLU A 66 2.38 -14.32 -1.59
CA GLU A 66 1.64 -13.17 -1.07
C GLU A 66 1.26 -13.38 0.41
N ILE A 67 0.73 -14.57 0.71
CA ILE A 67 0.37 -14.96 2.09
C ILE A 67 1.59 -15.03 3.02
N GLU A 68 2.70 -15.55 2.51
CA GLU A 68 3.94 -15.64 3.29
C GLU A 68 4.60 -14.28 3.50
N ILE A 69 4.37 -13.34 2.59
CA ILE A 69 4.79 -11.95 2.81
C ILE A 69 3.99 -11.34 3.97
N LEU A 70 2.66 -11.41 3.87
CA LEU A 70 1.78 -10.85 4.89
C LEU A 70 2.05 -11.44 6.28
N ALA A 71 2.22 -12.76 6.34
CA ALA A 71 2.48 -13.46 7.60
C ALA A 71 3.76 -13.01 8.28
N THR A 72 4.80 -12.78 7.48
CA THR A 72 6.08 -12.24 7.96
C THR A 72 5.97 -10.77 8.39
N CYS A 73 5.11 -10.00 7.72
CA CYS A 73 4.95 -8.55 7.97
C CYS A 73 3.86 -8.22 8.99
N ASP A 74 4.14 -8.57 10.25
CA ASP A 74 3.29 -8.19 11.36
C ASP A 74 3.71 -6.77 11.76
N HIS A 75 2.91 -5.78 11.35
CA HIS A 75 3.18 -4.38 11.69
C HIS A 75 1.81 -3.67 11.90
N PRO A 76 1.77 -2.66 12.80
CA PRO A 76 0.52 -1.88 13.02
C PRO A 76 -0.09 -1.26 11.74
N TYR A 77 0.77 -0.77 10.85
CA TYR A 77 0.39 -0.09 9.61
C TYR A 77 0.45 -0.97 8.36
N ILE A 78 0.45 -2.29 8.54
CA ILE A 78 0.30 -3.27 7.43
C ILE A 78 -0.92 -4.14 7.76
N VAL A 79 -1.74 -4.47 6.75
CA VAL A 79 -2.93 -5.31 6.98
C VAL A 79 -2.52 -6.65 7.58
N LYS A 80 -3.26 -7.11 8.59
CA LYS A 80 -2.96 -8.34 9.31
C LYS A 80 -3.54 -9.54 8.57
N LEU A 81 -2.71 -10.58 8.39
CA LEU A 81 -3.21 -11.88 7.96
C LEU A 81 -3.88 -12.54 9.17
N LEU A 82 -5.17 -12.84 9.05
CA LEU A 82 -5.92 -13.54 10.09
C LEU A 82 -5.97 -15.06 9.86
N GLY A 83 -5.73 -15.50 8.63
CA GLY A 83 -5.69 -16.93 8.34
C GLY A 83 -5.67 -17.23 6.86
N ALA A 84 -4.99 -18.33 6.51
CA ALA A 84 -4.94 -18.82 5.13
C ALA A 84 -5.19 -20.33 5.12
N TYR A 85 -6.21 -20.75 4.37
CA TYR A 85 -6.63 -22.15 4.32
C TYR A 85 -6.82 -22.59 2.87
N TYR A 86 -6.26 -23.74 2.49
CA TYR A 86 -6.58 -24.39 1.20
C TYR A 86 -7.38 -25.66 1.45
N HIS A 87 -8.65 -25.68 1.04
CA HIS A 87 -9.60 -26.71 1.44
C HIS A 87 -10.51 -27.16 0.29
N ASP A 88 -10.32 -28.40 -0.16
CA ASP A 88 -10.97 -28.99 -1.37
C ASP A 88 -11.25 -27.98 -2.50
N GLY A 89 -10.18 -27.58 -3.19
CA GLY A 89 -10.26 -26.77 -4.41
C GLY A 89 -10.17 -25.26 -4.28
N LYS A 90 -10.55 -24.72 -3.11
CA LYS A 90 -10.68 -23.27 -2.90
C LYS A 90 -9.63 -22.79 -1.88
N LEU A 91 -8.98 -21.67 -2.19
CA LEU A 91 -7.99 -21.02 -1.29
C LEU A 91 -8.63 -19.82 -0.58
N TRP A 92 -8.62 -19.86 0.74
CA TRP A 92 -9.23 -18.84 1.60
C TRP A 92 -8.11 -17.95 2.15
N ILE A 93 -8.19 -16.65 1.89
CA ILE A 93 -7.29 -15.67 2.49
C ILE A 93 -8.15 -14.73 3.31
N MET A 94 -7.91 -14.72 4.63
CA MET A 94 -8.67 -13.89 5.56
C MET A 94 -7.77 -12.76 6.06
N ILE A 95 -8.17 -11.52 5.81
CA ILE A 95 -7.40 -10.33 6.18
C ILE A 95 -8.25 -9.44 7.09
N GLU A 96 -7.61 -8.78 8.05
CA GLU A 96 -8.32 -7.87 8.98
C GLU A 96 -9.20 -6.89 8.20
N PHE A 97 -10.42 -6.69 8.67
CA PHE A 97 -11.34 -5.78 8.02
C PHE A 97 -10.96 -4.35 8.41
N CYS A 98 -10.74 -3.50 7.41
CA CYS A 98 -10.45 -2.07 7.59
C CYS A 98 -11.71 -1.27 7.26
N PRO A 99 -12.53 -0.95 8.28
CA PRO A 99 -13.86 -0.34 8.04
C PRO A 99 -13.89 1.04 7.37
N GLY A 100 -12.78 1.79 7.42
CA GLY A 100 -12.70 3.08 6.72
C GLY A 100 -12.59 3.00 5.20
N GLY A 101 -12.16 1.85 4.69
CA GLY A 101 -11.92 1.68 3.25
C GLY A 101 -10.66 2.40 2.79
N ALA A 102 -10.48 2.44 1.48
CA ALA A 102 -9.28 3.02 0.87
C ALA A 102 -9.35 4.54 0.82
N VAL A 103 -8.19 5.19 0.89
CA VAL A 103 -8.12 6.65 0.93
C VAL A 103 -8.68 7.28 -0.36
N ASP A 104 -8.48 6.65 -1.52
CA ASP A 104 -9.06 7.19 -2.76
C ASP A 104 -10.60 7.17 -2.73
N ALA A 105 -11.19 6.10 -2.18
CA ALA A 105 -12.64 6.03 -1.99
C ALA A 105 -13.14 7.13 -1.07
N ILE A 106 -12.39 7.42 -0.01
CA ILE A 106 -12.75 8.48 0.91
C ILE A 106 -12.80 9.83 0.19
N MET A 107 -11.76 10.12 -0.60
CA MET A 107 -11.69 11.34 -1.40
C MET A 107 -12.86 11.48 -2.38
N LEU A 108 -13.28 10.36 -2.96
CA LEU A 108 -14.42 10.32 -3.87
C LEU A 108 -15.74 10.59 -3.11
N GLU A 109 -15.89 9.95 -1.96
CA GLU A 109 -17.08 10.13 -1.12
C GLU A 109 -17.20 11.56 -0.60
N LEU A 110 -16.10 12.13 -0.13
CA LEU A 110 -16.09 13.52 0.37
C LEU A 110 -15.90 14.56 -0.73
N ASP A 111 -15.62 14.12 -1.95
CA ASP A 111 -15.44 14.98 -3.12
C ASP A 111 -14.36 16.04 -2.90
N ARG A 112 -13.28 15.63 -2.23
CA ARG A 112 -12.14 16.51 -2.00
C ARG A 112 -10.87 15.74 -1.68
N GLY A 113 -9.76 16.45 -1.70
CA GLY A 113 -8.48 15.88 -1.33
C GLY A 113 -8.27 16.00 0.17
N LEU A 114 -7.24 15.33 0.68
CA LEU A 114 -6.86 15.41 2.09
C LEU A 114 -6.25 16.78 2.39
N THR A 115 -6.39 17.22 3.64
CA THR A 115 -5.68 18.39 4.16
C THR A 115 -4.23 18.00 4.43
N GLU A 116 -3.37 18.98 4.67
CA GLU A 116 -1.97 18.70 4.97
C GLU A 116 -1.73 17.89 6.26
N PRO A 117 -2.41 18.26 7.38
CA PRO A 117 -2.27 17.45 8.61
C PRO A 117 -2.72 15.99 8.45
N GLN A 118 -3.73 15.78 7.62
CA GLN A 118 -4.15 14.43 7.26
C GLN A 118 -3.07 13.70 6.43
N ILE A 119 -2.44 14.41 5.49
CA ILE A 119 -1.39 13.86 4.65
C ILE A 119 -0.13 13.60 5.48
N GLN A 120 0.17 14.49 6.42
CA GLN A 120 1.32 14.32 7.32
C GLN A 120 1.23 13.02 8.12
N VAL A 121 0.02 12.66 8.57
CA VAL A 121 -0.18 11.41 9.33
C VAL A 121 0.01 10.22 8.41
N VAL A 122 -0.63 10.24 7.24
CA VAL A 122 -0.50 9.15 6.28
C VAL A 122 0.97 8.94 5.95
N CYS A 123 1.65 10.04 5.64
CA CYS A 123 3.03 9.99 5.23
C CYS A 123 3.89 9.36 6.32
N ARG A 124 3.74 9.89 7.54
CA ARG A 124 4.46 9.39 8.70
C ARG A 124 4.25 7.89 8.90
N GLN A 125 3.00 7.44 8.90
CA GLN A 125 2.71 6.03 9.11
C GLN A 125 3.15 5.17 7.92
N MET A 126 3.00 5.68 6.70
CA MET A 126 3.54 5.01 5.52
C MET A 126 5.07 4.81 5.59
N LEU A 127 5.78 5.85 6.03
CA LEU A 127 7.23 5.74 6.22
C LEU A 127 7.63 4.71 7.28
N GLU A 128 6.87 4.60 8.36
CA GLU A 128 7.12 3.57 9.41
C GLU A 128 6.93 2.15 8.87
N ALA A 129 5.90 1.97 8.05
CA ALA A 129 5.64 0.70 7.39
C ALA A 129 6.71 0.38 6.34
N LEU A 130 7.09 1.36 5.54
CA LEU A 130 8.08 1.15 4.49
C LEU A 130 9.47 0.89 5.07
N ASN A 131 9.82 1.62 6.12
CA ASN A 131 11.07 1.39 6.85
C ASN A 131 11.15 -0.05 7.37
N PHE A 132 10.00 -0.56 7.82
CA PHE A 132 9.87 -1.93 8.26
C PHE A 132 9.96 -2.93 7.10
N LEU A 133 9.20 -2.69 6.03
CA LEU A 133 9.20 -3.61 4.86
C LEU A 133 10.59 -3.73 4.22
N HIS A 134 11.25 -2.59 4.07
CA HIS A 134 12.58 -2.53 3.50
C HIS A 134 13.64 -3.17 4.44
N SER A 135 13.44 -3.09 5.76
CA SER A 135 14.24 -3.87 6.75
C SER A 135 14.18 -5.37 6.48
N LYS A 136 13.01 -5.85 6.06
CA LYS A 136 12.80 -7.26 5.70
C LYS A 136 13.16 -7.59 4.24
N ARG A 137 13.78 -6.65 3.51
CA ARG A 137 14.01 -6.80 2.06
C ARG A 137 12.72 -7.19 1.28
N ILE A 138 11.62 -6.55 1.65
CA ILE A 138 10.36 -6.66 0.93
C ILE A 138 10.05 -5.28 0.33
N ILE A 139 9.72 -5.24 -0.95
CA ILE A 139 9.33 -4.00 -1.62
C ILE A 139 7.86 -4.13 -2.00
N HIS A 140 7.08 -3.07 -1.76
CA HIS A 140 5.66 -3.09 -2.08
C HIS A 140 5.45 -3.05 -3.60
N ARG A 141 6.03 -2.03 -4.24
CA ARG A 141 6.00 -1.85 -5.70
C ARG A 141 4.63 -1.51 -6.32
N ASP A 142 3.66 -1.13 -5.49
CA ASP A 142 2.33 -0.75 -5.97
C ASP A 142 1.61 0.20 -4.99
N LEU A 143 2.36 1.17 -4.46
CA LEU A 143 1.80 2.17 -3.56
C LEU A 143 0.93 3.15 -4.35
N LYS A 144 -0.20 3.53 -3.73
CA LYS A 144 -1.19 4.44 -4.28
C LYS A 144 -2.29 4.58 -3.23
N ALA A 145 -3.08 5.63 -3.31
CA ALA A 145 -4.10 5.88 -2.29
C ALA A 145 -5.10 4.73 -2.18
N GLY A 146 -5.31 4.04 -3.29
CA GLY A 146 -6.17 2.84 -3.35
C GLY A 146 -5.71 1.64 -2.55
N ASN A 147 -4.41 1.58 -2.22
CA ASN A 147 -3.86 0.53 -1.36
C ASN A 147 -3.53 0.97 0.08
N VAL A 148 -3.97 2.17 0.45
CA VAL A 148 -3.86 2.68 1.82
C VAL A 148 -5.26 2.59 2.43
N LEU A 149 -5.45 1.62 3.32
CA LEU A 149 -6.76 1.39 3.94
C LEU A 149 -6.80 2.05 5.32
N MET A 150 -7.98 2.50 5.72
CA MET A 150 -8.18 3.19 7.01
C MET A 150 -8.92 2.33 8.02
N THR A 151 -8.51 2.45 9.29
CA THR A 151 -9.31 1.96 10.42
C THR A 151 -10.11 3.13 11.02
N LEU A 152 -11.12 2.81 11.84
CA LEU A 152 -11.92 3.84 12.53
C LEU A 152 -11.16 4.63 13.59
N GLU A 153 -10.05 4.10 14.08
CA GLU A 153 -9.18 4.83 15.00
C GLU A 153 -8.28 5.83 14.26
N GLY A 154 -8.25 5.74 12.93
CA GLY A 154 -7.54 6.71 12.09
C GLY A 154 -6.10 6.33 11.86
N ASP A 155 -5.84 5.03 11.73
CA ASP A 155 -4.55 4.50 11.30
C ASP A 155 -4.66 3.92 9.90
N ILE A 156 -3.56 3.97 9.17
CA ILE A 156 -3.50 3.34 7.85
C ILE A 156 -3.17 1.85 7.99
N ARG A 157 -3.43 1.13 6.91
CA ARG A 157 -2.90 -0.22 6.70
C ARG A 157 -2.53 -0.36 5.24
N LEU A 158 -1.24 -0.54 4.94
CA LEU A 158 -0.83 -0.85 3.57
C LEU A 158 -1.42 -2.20 3.18
N ALA A 159 -2.04 -2.24 2.00
CA ALA A 159 -2.75 -3.41 1.52
C ALA A 159 -2.25 -3.81 0.12
N ASP A 160 -2.75 -4.96 -0.34
CA ASP A 160 -2.51 -5.48 -1.70
C ASP A 160 -1.02 -5.68 -2.04
N PHE A 161 -0.48 -6.78 -1.54
CA PHE A 161 0.89 -7.21 -1.86
C PHE A 161 0.96 -8.17 -3.06
N GLY A 162 -0.03 -8.12 -3.95
CA GLY A 162 -0.02 -8.87 -5.22
C GLY A 162 1.24 -8.63 -6.02
N VAL A 163 1.48 -7.36 -6.35
CA VAL A 163 2.66 -6.98 -7.16
C VAL A 163 3.95 -7.37 -6.43
N SER A 164 4.02 -7.10 -5.14
CA SER A 164 5.16 -7.50 -4.30
C SER A 164 5.48 -9.00 -4.41
N ALA A 165 4.42 -9.81 -4.35
CA ALA A 165 4.53 -11.27 -4.35
C ALA A 165 4.93 -11.81 -5.71
N LYS A 166 4.27 -11.33 -6.76
CA LYS A 166 4.58 -11.75 -8.13
C LYS A 166 6.06 -11.47 -8.45
N ASN A 167 6.54 -10.28 -8.08
CA ASN A 167 7.95 -9.90 -8.22
C ASN A 167 8.90 -10.79 -7.42
N LEU A 168 8.50 -11.15 -6.21
CA LEU A 168 9.31 -11.99 -5.33
C LEU A 168 9.42 -13.44 -5.85
N LYS A 169 8.29 -14.00 -6.30
CA LYS A 169 8.26 -15.32 -6.93
C LYS A 169 9.23 -15.40 -8.11
N THR A 170 9.20 -14.38 -8.97
CA THR A 170 10.12 -14.27 -10.12
C THR A 170 11.59 -14.34 -9.69
N LEU A 171 11.97 -13.57 -8.67
CA LEU A 171 13.34 -13.56 -8.16
C LEU A 171 13.73 -14.87 -7.45
N GLN A 172 12.77 -15.47 -6.74
CA GLN A 172 12.99 -16.77 -6.08
C GLN A 172 13.33 -17.88 -7.08
N LYS A 173 12.46 -18.04 -8.08
CA LYS A 173 12.58 -19.09 -9.10
C LYS A 173 12.99 -18.50 -10.46
N PRO A 181 28.82 -12.43 -17.67
CA PRO A 181 28.52 -11.04 -17.35
C PRO A 181 29.46 -10.02 -18.01
N TYR A 182 30.61 -10.46 -18.53
CA TYR A 182 31.54 -9.57 -19.26
C TYR A 182 30.89 -8.98 -20.51
N TRP A 183 29.92 -9.69 -21.09
CA TRP A 183 29.32 -9.32 -22.37
C TRP A 183 27.97 -8.61 -22.22
N MET A 184 27.57 -8.31 -20.99
CA MET A 184 26.25 -7.72 -20.69
C MET A 184 26.26 -6.22 -21.02
N ALA A 185 25.22 -5.75 -21.70
CA ALA A 185 25.07 -4.32 -22.03
C ALA A 185 24.83 -3.48 -20.78
N PRO A 186 25.25 -2.19 -20.80
CA PRO A 186 25.10 -1.33 -19.61
C PRO A 186 23.66 -1.18 -19.11
N GLU A 187 22.70 -0.94 -20.01
CA GLU A 187 21.29 -0.90 -19.63
C GLU A 187 20.82 -2.17 -18.93
N VAL A 188 21.33 -3.34 -19.34
CA VAL A 188 20.96 -4.62 -18.70
C VAL A 188 21.60 -4.74 -17.31
N VAL A 189 22.83 -4.25 -17.14
CA VAL A 189 23.49 -4.22 -15.83
C VAL A 189 22.69 -3.34 -14.86
N MET A 190 22.25 -2.17 -15.34
CA MET A 190 21.47 -1.25 -14.51
C MET A 190 20.15 -1.85 -14.06
N CYS A 191 19.46 -2.57 -14.95
CA CYS A 191 18.18 -3.22 -14.62
C CYS A 191 18.31 -4.49 -13.77
N GLU A 192 19.49 -5.08 -13.68
CA GLU A 192 19.76 -6.12 -12.66
C GLU A 192 20.26 -5.49 -11.35
N THR A 193 20.88 -4.31 -11.42
CA THR A 193 21.26 -3.53 -10.23
C THR A 193 20.03 -2.91 -9.55
N MET A 194 19.08 -2.39 -10.34
CA MET A 194 17.81 -1.88 -9.80
C MET A 194 16.96 -3.00 -9.18
N LYS A 195 17.17 -4.24 -9.60
CA LYS A 195 16.51 -5.42 -8.99
C LYS A 195 17.02 -5.82 -7.59
N ASP A 196 18.21 -5.34 -7.21
CA ASP A 196 18.79 -5.65 -5.89
C ASP A 196 18.93 -4.40 -5.02
N THR A 197 19.30 -4.63 -3.75
CA THR A 197 19.58 -3.54 -2.81
C THR A 197 20.94 -2.89 -3.12
N PRO A 198 21.15 -1.61 -2.78
CA PRO A 198 20.17 -0.73 -2.11
C PRO A 198 19.40 0.22 -3.07
N TYR A 199 19.04 -0.28 -4.26
CA TYR A 199 18.31 0.49 -5.26
C TYR A 199 16.84 0.08 -5.39
N ASP A 200 16.56 -1.22 -5.27
CA ASP A 200 15.20 -1.75 -5.47
C ASP A 200 14.14 -1.10 -4.59
N TYR A 201 14.46 -0.91 -3.30
CA TYR A 201 13.52 -0.33 -2.34
C TYR A 201 13.23 1.17 -2.56
N LYS A 202 14.10 1.85 -3.31
CA LYS A 202 13.89 3.28 -3.63
C LYS A 202 12.64 3.55 -4.48
N ALA A 203 12.21 2.57 -5.26
CA ALA A 203 11.00 2.67 -6.08
C ALA A 203 9.76 3.02 -5.23
N ASP A 204 9.66 2.42 -4.05
CA ASP A 204 8.56 2.71 -3.11
C ASP A 204 8.60 4.16 -2.61
N ILE A 205 9.79 4.73 -2.45
CA ILE A 205 9.94 6.11 -1.99
C ILE A 205 9.39 7.09 -3.02
N TRP A 206 9.70 6.85 -4.30
CA TRP A 206 9.11 7.63 -5.38
C TRP A 206 7.59 7.50 -5.36
N SER A 207 7.10 6.27 -5.25
CA SER A 207 5.65 6.02 -5.28
C SER A 207 4.89 6.69 -4.12
N LEU A 208 5.53 6.71 -2.94
CA LEU A 208 5.04 7.46 -1.80
C LEU A 208 4.82 8.90 -2.19
N GLY A 209 5.84 9.50 -2.79
CA GLY A 209 5.75 10.89 -3.23
C GLY A 209 4.55 11.17 -4.10
N ILE A 210 4.33 10.30 -5.08
CA ILE A 210 3.19 10.44 -6.01
C ILE A 210 1.87 10.21 -5.26
N THR A 211 1.86 9.26 -4.33
CA THR A 211 0.69 9.01 -3.48
C THR A 211 0.29 10.24 -2.65
N LEU A 212 1.29 10.96 -2.11
CA LEU A 212 1.05 12.20 -1.40
C LEU A 212 0.39 13.23 -2.30
N ILE A 213 0.91 13.37 -3.53
CA ILE A 213 0.36 14.33 -4.49
C ILE A 213 -1.08 13.96 -4.84
N GLU A 214 -1.31 12.66 -5.06
CA GLU A 214 -2.65 12.10 -5.30
C GLU A 214 -3.60 12.47 -4.15
N MET A 215 -3.13 12.39 -2.91
CA MET A 215 -3.94 12.76 -1.75
C MET A 215 -4.22 14.28 -1.69
N ALA A 216 -3.24 15.10 -2.08
CA ALA A 216 -3.45 16.55 -2.17
C ALA A 216 -4.44 16.97 -3.27
N GLN A 217 -4.38 16.31 -4.43
CA GLN A 217 -5.08 16.77 -5.64
C GLN A 217 -6.11 15.77 -6.20
N ILE A 218 -6.37 14.67 -5.46
CA ILE A 218 -7.35 13.60 -5.79
C ILE A 218 -6.86 12.63 -6.87
N GLU A 219 -6.43 13.15 -8.01
CA GLU A 219 -5.83 12.36 -9.07
C GLU A 219 -4.30 12.49 -8.99
N PRO A 220 -3.57 11.44 -9.43
CA PRO A 220 -2.12 11.56 -9.54
C PRO A 220 -1.67 12.47 -10.69
N PRO A 221 -0.39 12.87 -10.72
CA PRO A 221 0.12 13.61 -11.88
C PRO A 221 -0.03 12.83 -13.18
N HIS A 222 -0.27 13.54 -14.27
CA HIS A 222 -0.43 12.98 -15.63
C HIS A 222 -1.72 12.20 -15.84
N HIS A 223 -2.71 12.39 -14.96
CA HIS A 223 -4.00 11.66 -15.05
C HIS A 223 -4.80 11.96 -16.33
N GLU A 224 -4.61 13.15 -16.91
CA GLU A 224 -5.22 13.49 -18.21
C GLU A 224 -4.77 12.57 -19.36
N LEU A 225 -3.52 12.13 -19.29
CA LEU A 225 -2.91 11.29 -20.32
C LEU A 225 -3.35 9.83 -20.16
N ASN A 226 -3.40 9.08 -21.27
CA ASN A 226 -3.71 7.63 -21.20
C ASN A 226 -2.48 6.84 -20.76
N PRO A 227 -2.67 5.61 -20.23
CA PRO A 227 -1.55 4.91 -19.54
C PRO A 227 -0.28 4.63 -20.34
N MET A 228 -0.40 4.48 -21.66
CA MET A 228 0.76 4.23 -22.52
C MET A 228 1.63 5.48 -22.62
N ARG A 229 0.97 6.62 -22.85
CA ARG A 229 1.64 7.93 -22.89
C ARG A 229 2.23 8.33 -21.52
N VAL A 230 1.66 7.80 -20.43
CA VAL A 230 2.11 8.12 -19.07
C VAL A 230 3.51 7.58 -18.76
N LEU A 231 3.80 6.36 -19.18
CA LEU A 231 5.13 5.78 -18.94
C LEU A 231 6.23 6.65 -19.56
N LEU A 232 6.03 7.08 -20.80
CA LEU A 232 6.97 7.97 -21.47
C LEU A 232 7.11 9.26 -20.68
N LYS A 233 5.96 9.83 -20.30
CA LYS A 233 5.91 11.10 -19.56
C LYS A 233 6.67 11.04 -18.23
N ILE A 234 6.59 9.91 -17.53
CA ILE A 234 7.34 9.72 -16.29
C ILE A 234 8.83 9.55 -16.60
N ALA A 235 9.16 8.86 -17.69
CA ALA A 235 10.54 8.70 -18.12
C ALA A 235 11.17 10.03 -18.54
N LYS A 236 10.48 10.76 -19.42
CA LYS A 236 11.02 11.98 -20.02
C LYS A 236 10.90 13.26 -19.16
N SER A 237 9.80 13.45 -18.43
CA SER A 237 9.53 14.72 -17.71
C SER A 237 10.33 14.89 -16.43
N ASP A 238 10.46 16.14 -15.97
CA ASP A 238 11.02 16.43 -14.63
C ASP A 238 10.06 15.90 -13.55
N PRO A 239 10.56 15.69 -12.31
CA PRO A 239 9.67 15.24 -11.23
C PRO A 239 8.43 16.14 -11.09
N PRO A 240 7.25 15.54 -10.80
CA PRO A 240 6.06 16.37 -10.55
C PRO A 240 6.20 17.21 -9.28
N THR A 241 5.45 18.31 -9.26
CA THR A 241 5.34 19.18 -8.08
C THR A 241 3.87 19.46 -7.85
N LEU A 242 3.58 20.07 -6.71
CA LEU A 242 2.22 20.42 -6.34
C LEU A 242 1.73 21.54 -7.26
N LEU A 243 0.49 21.41 -7.70
CA LEU A 243 -0.08 22.31 -8.68
C LEU A 243 -0.19 23.74 -8.15
N THR A 244 -0.65 23.88 -6.90
CA THR A 244 -0.90 25.18 -6.30
C THR A 244 -0.02 25.34 -5.04
N PRO A 245 1.31 25.50 -5.23
CA PRO A 245 2.27 25.44 -4.12
C PRO A 245 2.03 26.41 -2.95
N SER A 246 1.25 27.46 -3.16
CA SER A 246 0.89 28.40 -2.11
C SER A 246 0.06 27.76 -0.99
N LYS A 247 -0.82 26.82 -1.36
CA LYS A 247 -1.65 26.06 -0.40
C LYS A 247 -0.89 25.16 0.59
N TRP A 248 0.39 24.87 0.31
CA TRP A 248 1.14 23.85 1.06
C TRP A 248 2.35 24.46 1.73
N SER A 249 2.75 23.89 2.85
CA SER A 249 3.94 24.34 3.56
C SER A 249 5.17 24.03 2.72
N VAL A 250 6.24 24.80 2.96
CA VAL A 250 7.53 24.58 2.30
C VAL A 250 8.10 23.20 2.70
N GLU A 251 7.77 22.73 3.90
CA GLU A 251 8.14 21.40 4.36
C GLU A 251 7.56 20.28 3.48
N PHE A 252 6.30 20.43 3.06
CA PHE A 252 5.63 19.44 2.21
C PHE A 252 6.31 19.44 0.85
N ARG A 253 6.49 20.64 0.28
CA ARG A 253 7.14 20.79 -1.01
C ARG A 253 8.57 20.27 -1.01
N ASP A 254 9.31 20.60 0.04
CA ASP A 254 10.68 20.11 0.19
C ASP A 254 10.72 18.60 0.34
N PHE A 255 9.77 18.04 1.08
CA PHE A 255 9.65 16.58 1.20
C PHE A 255 9.46 15.93 -0.17
N LEU A 256 8.57 16.51 -0.98
CA LEU A 256 8.34 16.01 -2.34
C LEU A 256 9.58 16.17 -3.21
N LYS A 257 10.20 17.35 -3.14
CA LYS A 257 11.43 17.65 -3.90
C LYS A 257 12.46 16.52 -3.75
N ILE A 258 12.81 16.18 -2.51
CA ILE A 258 13.84 15.14 -2.27
C ILE A 258 13.35 13.70 -2.49
N ALA A 259 12.08 13.42 -2.21
CA ALA A 259 11.51 12.08 -2.37
C ALA A 259 11.31 11.73 -3.84
N LEU A 260 10.81 12.68 -4.62
CA LEU A 260 10.70 12.55 -6.08
C LEU A 260 12.01 13.00 -6.76
N ASP A 261 13.07 12.24 -6.48
CA ASP A 261 14.39 12.41 -7.04
C ASP A 261 14.47 11.31 -8.11
N LYS A 262 14.65 11.71 -9.36
CA LYS A 262 14.68 10.77 -10.49
C LYS A 262 15.83 9.76 -10.43
N ASN A 263 16.95 10.16 -9.81
CA ASN A 263 18.08 9.26 -9.58
C ASN A 263 17.83 8.46 -8.30
N PRO A 264 17.64 7.13 -8.41
CA PRO A 264 17.51 6.31 -7.19
C PRO A 264 18.76 6.24 -6.32
N GLU A 265 19.93 6.55 -6.89
CA GLU A 265 21.18 6.55 -6.12
C GLU A 265 21.15 7.60 -5.00
N THR A 266 20.69 8.81 -5.32
CA THR A 266 20.60 9.91 -4.36
C THR A 266 19.22 10.05 -3.65
N ARG A 267 18.23 9.28 -4.09
CA ARG A 267 16.90 9.32 -3.46
C ARG A 267 16.99 8.72 -2.06
N PRO A 268 16.46 9.43 -1.04
CA PRO A 268 16.65 9.01 0.35
C PRO A 268 15.81 7.80 0.77
N SER A 269 16.22 7.14 1.84
CA SER A 269 15.46 6.01 2.37
C SER A 269 14.23 6.47 3.14
N ALA A 270 13.37 5.52 3.50
CA ALA A 270 12.27 5.77 4.42
C ALA A 270 12.81 6.21 5.78
N ALA A 271 13.85 5.51 6.27
CA ALA A 271 14.52 5.87 7.53
C ALA A 271 15.01 7.31 7.56
N GLN A 272 15.59 7.77 6.45
CA GLN A 272 16.07 9.15 6.33
C GLN A 272 14.91 10.13 6.31
N LEU A 273 13.88 9.83 5.52
CA LEU A 273 12.70 10.69 5.41
C LEU A 273 11.89 10.80 6.71
N LEU A 274 11.95 9.80 7.58
CA LEU A 274 11.35 9.90 8.92
C LEU A 274 11.91 11.04 9.79
N GLU A 275 13.13 11.49 9.47
CA GLU A 275 13.77 12.61 10.16
C GLU A 275 13.51 13.97 9.51
N HIS A 276 12.80 14.00 8.38
CA HIS A 276 12.46 15.25 7.70
C HIS A 276 11.41 16.02 8.51
N PRO A 277 11.48 17.37 8.54
CA PRO A 277 10.52 18.17 9.35
C PRO A 277 9.04 18.06 8.99
N PHE A 278 8.70 17.60 7.78
CA PHE A 278 7.32 17.35 7.36
C PHE A 278 6.61 16.29 8.21
N VAL A 279 7.37 15.30 8.71
CA VAL A 279 6.83 14.19 9.51
C VAL A 279 7.43 13.96 10.91
N SER A 280 8.64 14.46 11.17
CA SER A 280 9.35 14.16 12.43
C SER A 280 8.64 14.61 13.71
N SER A 281 7.95 15.75 13.65
CA SER A 281 7.17 16.25 14.79
C SER A 281 5.75 15.66 14.91
N ILE A 282 5.33 14.82 13.97
CA ILE A 282 3.98 14.21 14.03
C ILE A 282 3.94 13.19 15.17
N THR A 283 3.09 13.46 16.15
CA THR A 283 2.91 12.59 17.31
C THR A 283 1.47 12.05 17.47
N SER A 284 0.50 12.56 16.70
CA SER A 284 -0.92 12.18 16.82
C SER A 284 -1.56 11.82 15.46
N ASN A 285 -2.44 10.82 15.46
CA ASN A 285 -3.24 10.47 14.27
C ASN A 285 -4.61 11.20 14.17
N LYS A 286 -4.85 12.14 15.08
CA LYS A 286 -6.13 12.85 15.23
C LYS A 286 -6.74 13.33 13.91
N ALA A 287 -5.92 13.95 13.06
CA ALA A 287 -6.41 14.48 11.78
C ALA A 287 -7.03 13.39 10.90
N LEU A 288 -6.46 12.19 10.94
CA LEU A 288 -6.98 11.05 10.19
C LEU A 288 -8.20 10.43 10.82
N ARG A 289 -8.23 10.33 12.14
CA ARG A 289 -9.44 9.88 12.84
C ARG A 289 -10.65 10.75 12.46
N GLU A 290 -10.42 12.06 12.37
CA GLU A 290 -11.45 13.02 11.96
C GLU A 290 -11.89 12.76 10.54
N LEU A 291 -10.92 12.56 9.64
CA LEU A 291 -11.21 12.28 8.23
C LEU A 291 -12.16 11.11 8.11
N VAL A 292 -11.84 10.04 8.82
CA VAL A 292 -12.63 8.81 8.75
C VAL A 292 -14.02 9.05 9.35
N ALA A 293 -14.10 9.84 10.42
CA ALA A 293 -15.38 10.21 11.00
C ALA A 293 -16.24 10.97 9.99
N GLU A 294 -15.66 12.00 9.36
CA GLU A 294 -16.34 12.78 8.31
C GLU A 294 -16.83 11.88 7.15
N ALA A 295 -15.98 10.99 6.68
CA ALA A 295 -16.31 10.11 5.55
C ALA A 295 -17.46 9.16 5.86
N LYS A 296 -17.42 8.58 7.05
CA LYS A 296 -18.46 7.66 7.51
C LYS A 296 -19.82 8.36 7.73
N ALA A 297 -19.80 9.60 8.21
CA ALA A 297 -21.01 10.43 8.30
C ALA A 297 -21.56 10.82 6.93
N GLU A 298 -20.65 11.05 5.98
CA GLU A 298 -21.00 11.37 4.61
C GLU A 298 -21.73 10.21 3.93
N VAL A 299 -21.23 8.99 4.15
CA VAL A 299 -21.87 7.77 3.62
C VAL A 299 -23.33 7.67 4.08
N MET A 300 -23.59 8.12 5.30
CA MET A 300 -24.93 8.07 5.88
C MET A 300 -25.95 9.04 5.23
N GLU A 301 -25.47 10.08 4.56
CA GLU A 301 -26.33 11.04 3.84
C GLU A 301 -27.14 10.33 2.75
N GLU A 302 -28.45 10.41 2.85
CA GLU A 302 -29.36 9.82 1.85
C GLU A 302 -30.78 10.33 2.07
#